data_4OPC
#
_entry.id   4OPC
#
_cell.length_a   108.524
_cell.length_b   65.253
_cell.length_c   63.203
_cell.angle_alpha   90.00
_cell.angle_beta   91.98
_cell.angle_gamma   90.00
#
_symmetry.space_group_name_H-M   'C 1 2 1'
#
loop_
_entity.id
_entity.type
_entity.pdbx_description
1 polymer 'Conserved Archaeal protein'
2 non-polymer 'DIHYDROFLAVINE-ADENINE DINUCLEOTIDE'
3 non-polymer '(1S)-2-{[{[(2R)-2,3-DIHYDROXYPROPYL]OXY}(HYDROXY)PHOSPHORYL]OXY}-1-[(PALMITOYLOXY)METHYL]ETHYL STEARATE'
4 water water
#
_entity_poly.entity_id   1
_entity_poly.type   'polypeptide(L)'
_entity_poly.pdbx_seq_one_letter_code
;HMKELKYDVLIIGGGFAGSSAAYQLSRRGLKILLVDSKPWNRIGDKPCGDAVSKAHFDKLGMPYPKGEELENKINGIKLY
SPDMQTVWTVNGEGFELNAPLYNQRVLKEAQDRGVEIWDLTTAMKPIFEDGYVKGAVLFNRRTNEELTVYSKVVVEATGY
SRSFRSKLPPELPITEDLDDKDADVAYREVLLTKEDIEDHDYLRIFIDQETSPGGYWWYFPKGKNKVNVGLGIQGGMGYP
SIHEYYKKYLDKYAPDVDKSKLLVKGGALVPTRRPLYTMAWNGIIVIGDSGFTVNPVHGGGKGSAMISGYCAAKAILSAF
ETGDFSASGLWDMNICYVNEYGAKQASLDIFRRFLQKLSNDDINYGMKKKIIKEEDLLEASEKGDLHLSVADKAMRVISG
LGRPSLLFKLKAVAESMKKIKELYLNYPRSPSSLGSWRREVDNVLTEFNKSLS
;
_entity_poly.pdbx_strand_id   A
#
# COMPACT_ATOMS: atom_id res chain seq x y z
N MET A 2 1.91 -34.09 16.15
CA MET A 2 1.30 -33.27 15.11
C MET A 2 1.92 -33.57 13.75
N LYS A 3 1.09 -33.60 12.72
CA LYS A 3 1.54 -33.81 11.33
C LYS A 3 2.53 -32.75 10.88
N GLU A 4 3.62 -33.19 10.24
CA GLU A 4 4.65 -32.29 9.72
C GLU A 4 4.83 -32.48 8.23
N LEU A 5 4.87 -31.36 7.50
CA LEU A 5 5.01 -31.36 6.05
C LEU A 5 6.16 -30.47 5.61
N LYS A 6 6.84 -30.84 4.51
CA LYS A 6 8.01 -30.10 4.03
C LYS A 6 7.74 -29.38 2.72
N TYR A 7 7.82 -28.05 2.74
CA TYR A 7 7.61 -27.22 1.57
C TYR A 7 8.84 -26.37 1.29
N ASP A 8 8.97 -25.88 0.07
CA ASP A 8 10.04 -24.95 -0.23
C ASP A 8 9.69 -23.57 0.29
N VAL A 9 8.47 -23.12 -0.01
CA VAL A 9 8.01 -21.78 0.35
C VAL A 9 6.61 -21.88 0.95
N LEU A 10 6.37 -21.14 2.04
CA LEU A 10 5.03 -20.97 2.60
C LEU A 10 4.64 -19.50 2.49
N ILE A 11 3.52 -19.22 1.83
CA ILE A 11 3.02 -17.85 1.69
C ILE A 11 1.83 -17.71 2.62
N ILE A 12 1.90 -16.74 3.52
CA ILE A 12 0.84 -16.54 4.50
C ILE A 12 0.06 -15.29 4.12
N GLY A 13 -1.13 -15.52 3.57
CA GLY A 13 -2.00 -14.47 3.09
C GLY A 13 -2.10 -14.50 1.59
N GLY A 14 -3.31 -14.35 1.07
CA GLY A 14 -3.57 -14.47 -0.35
C GLY A 14 -4.24 -13.26 -0.98
N GLY A 15 -4.00 -12.06 -0.43
CA GLY A 15 -4.47 -10.83 -1.06
C GLY A 15 -3.59 -10.49 -2.25
N PHE A 16 -3.58 -9.23 -2.69
CA PHE A 16 -2.78 -8.90 -3.85
C PHE A 16 -1.30 -9.20 -3.63
N ALA A 17 -0.82 -9.02 -2.40
CA ALA A 17 0.59 -9.30 -2.15
C ALA A 17 0.90 -10.79 -2.24
N GLY A 18 0.23 -11.59 -1.43
CA GLY A 18 0.50 -13.02 -1.41
C GLY A 18 0.21 -13.71 -2.73
N SER A 19 -0.90 -13.31 -3.36
CA SER A 19 -1.26 -13.93 -4.63
C SER A 19 -0.24 -13.59 -5.72
N SER A 20 0.30 -12.37 -5.70
CA SER A 20 1.35 -11.98 -6.64
CA SER A 20 1.33 -12.02 -6.68
C SER A 20 2.60 -12.82 -6.45
N ALA A 21 2.99 -13.01 -5.19
CA ALA A 21 4.15 -13.86 -4.89
C ALA A 21 3.93 -15.28 -5.41
N ALA A 22 2.74 -15.82 -5.16
CA ALA A 22 2.41 -17.19 -5.60
C ALA A 22 2.47 -17.27 -7.12
N TYR A 23 1.87 -16.30 -7.80
CA TYR A 23 1.83 -16.33 -9.25
C TYR A 23 3.25 -16.24 -9.83
N GLN A 24 4.05 -15.32 -9.31
CA GLN A 24 5.39 -15.09 -9.80
C GLN A 24 6.35 -16.26 -9.52
N LEU A 25 6.06 -17.05 -8.49
CA LEU A 25 6.89 -18.21 -8.16
C LEU A 25 6.47 -19.49 -8.87
N SER A 26 5.31 -19.44 -9.55
CA SER A 26 4.72 -20.65 -10.12
C SER A 26 5.41 -21.10 -11.42
N ARG A 27 5.11 -22.33 -11.84
CA ARG A 27 5.72 -22.94 -13.01
C ARG A 27 7.24 -23.08 -12.94
N ARG A 28 7.77 -23.18 -11.72
CA ARG A 28 9.22 -23.27 -11.57
C ARG A 28 9.71 -24.55 -10.88
N GLY A 29 8.79 -25.45 -10.54
CA GLY A 29 9.17 -26.71 -9.94
C GLY A 29 9.37 -26.65 -8.44
N LEU A 30 9.03 -25.52 -7.82
CA LEU A 30 9.08 -25.40 -6.37
C LEU A 30 7.81 -25.97 -5.74
N LYS A 31 7.93 -26.44 -4.51
CA LYS A 31 6.76 -26.90 -3.76
C LYS A 31 6.32 -25.76 -2.86
N ILE A 32 5.19 -25.14 -3.21
CA ILE A 32 4.73 -23.91 -2.58
C ILE A 32 3.35 -24.11 -2.00
N LEU A 33 3.17 -23.64 -0.77
CA LEU A 33 1.86 -23.63 -0.14
C LEU A 33 1.48 -22.19 0.19
N LEU A 34 0.27 -21.80 -0.21
CA LEU A 34 -0.27 -20.53 0.26
C LEU A 34 -1.49 -20.81 1.12
N VAL A 35 -1.59 -20.09 2.23
CA VAL A 35 -2.75 -20.22 3.12
C VAL A 35 -3.42 -18.87 3.29
N ASP A 36 -4.73 -18.88 3.50
CA ASP A 36 -5.44 -17.67 3.89
C ASP A 36 -6.55 -18.04 4.86
N SER A 37 -6.73 -17.23 5.90
CA SER A 37 -7.77 -17.45 6.89
C SER A 37 -9.18 -17.40 6.32
N LYS A 38 -9.37 -16.69 5.21
CA LYS A 38 -10.69 -16.53 4.62
C LYS A 38 -11.10 -17.74 3.79
N PRO A 39 -12.40 -18.00 3.67
CA PRO A 39 -12.84 -19.00 2.70
C PRO A 39 -12.57 -18.48 1.29
N TRP A 40 -12.34 -19.38 0.36
CA TRP A 40 -12.03 -19.06 -1.02
C TRP A 40 -12.84 -17.90 -1.60
N ASN A 41 -14.17 -17.96 -1.49
CA ASN A 41 -14.98 -16.94 -2.17
C ASN A 41 -14.91 -15.55 -1.54
N ARG A 42 -14.22 -15.43 -0.41
CA ARG A 42 -14.04 -14.12 0.21
C ARG A 42 -12.61 -13.62 0.09
N ILE A 43 -11.69 -14.44 -0.39
CA ILE A 43 -10.31 -14.00 -0.51
C ILE A 43 -10.23 -12.79 -1.45
N GLY A 44 -9.59 -11.75 -0.96
CA GLY A 44 -9.43 -10.53 -1.73
C GLY A 44 -10.45 -9.44 -1.41
N ASP A 45 -11.35 -9.69 -0.45
CA ASP A 45 -12.46 -8.77 -0.20
C ASP A 45 -12.25 -7.72 0.89
N LYS A 46 -11.01 -7.50 1.30
CA LYS A 46 -10.76 -6.39 2.21
C LYS A 46 -11.29 -5.09 1.60
N PRO A 47 -11.94 -4.24 2.40
CA PRO A 47 -12.36 -2.92 1.88
C PRO A 47 -11.23 -2.21 1.12
N CYS A 48 -11.59 -1.63 -0.03
CA CYS A 48 -10.64 -0.97 -0.90
C CYS A 48 -11.44 -0.09 -1.86
N GLY A 49 -10.79 0.94 -2.39
CA GLY A 49 -11.35 1.73 -3.48
C GLY A 49 -11.32 0.99 -4.81
N ASP A 50 -10.47 -0.03 -4.90
CA ASP A 50 -10.39 -0.94 -6.05
C ASP A 50 -9.77 -0.34 -7.30
N ALA A 51 -9.07 0.78 -7.15
CA ALA A 51 -8.47 1.46 -8.30
C ALA A 51 -6.98 1.14 -8.42
N VAL A 52 -6.55 0.65 -9.58
CA VAL A 52 -5.15 0.28 -9.77
C VAL A 52 -4.66 0.72 -11.15
N SER A 53 -3.46 1.27 -11.21
CA SER A 53 -2.86 1.71 -12.47
C SER A 53 -2.58 0.54 -13.41
N LYS A 54 -2.85 0.75 -14.70
CA LYS A 54 -2.57 -0.26 -15.71
C LYS A 54 -1.07 -0.56 -15.79
N ALA A 55 -0.26 0.46 -15.54
CA ALA A 55 1.20 0.33 -15.64
C ALA A 55 1.76 -0.79 -14.78
N HIS A 56 1.16 -1.03 -13.62
CA HIS A 56 1.65 -2.10 -12.75
C HIS A 56 1.50 -3.47 -13.40
N PHE A 57 0.37 -3.70 -14.04
CA PHE A 57 0.16 -4.95 -14.72
C PHE A 57 1.13 -5.05 -15.90
N ASP A 58 1.33 -3.93 -16.59
CA ASP A 58 2.21 -3.91 -17.76
C ASP A 58 3.68 -4.16 -17.43
N LYS A 59 4.11 -3.71 -16.26
CA LYS A 59 5.52 -3.85 -15.87
C LYS A 59 5.84 -5.22 -15.22
N LEU A 60 4.85 -5.83 -14.58
CA LEU A 60 5.13 -7.00 -13.75
C LEU A 60 4.72 -8.31 -14.39
N GLY A 61 3.99 -8.23 -15.49
CA GLY A 61 3.51 -9.42 -16.16
C GLY A 61 2.45 -10.13 -15.35
N MET A 62 1.67 -9.35 -14.60
CA MET A 62 0.53 -9.91 -13.90
C MET A 62 -0.65 -9.98 -14.85
N PRO A 63 -1.47 -11.04 -14.70
CA PRO A 63 -2.64 -11.26 -15.56
C PRO A 63 -3.49 -10.00 -15.67
N TYR A 64 -3.88 -9.71 -16.89
N TYR A 64 -3.84 -9.66 -16.90
CA TYR A 64 -4.72 -8.56 -17.18
CA TYR A 64 -4.73 -8.54 -17.14
C TYR A 64 -6.16 -8.85 -16.71
C TYR A 64 -6.12 -8.87 -16.62
N PRO A 65 -6.76 -7.90 -15.97
CA PRO A 65 -8.16 -8.02 -15.52
C PRO A 65 -9.10 -8.13 -16.72
N LYS A 66 -10.09 -9.00 -16.65
CA LYS A 66 -11.02 -9.19 -17.77
C LYS A 66 -12.41 -9.62 -17.31
N GLY A 67 -13.41 -9.40 -18.15
CA GLY A 67 -14.77 -9.82 -17.83
C GLY A 67 -15.35 -9.12 -16.63
N GLU A 68 -16.02 -9.87 -15.76
CA GLU A 68 -16.62 -9.29 -14.56
C GLU A 68 -15.54 -8.68 -13.63
N GLU A 69 -14.27 -9.00 -13.88
CA GLU A 69 -13.15 -8.48 -13.07
C GLU A 69 -12.84 -7.01 -13.33
N LEU A 70 -13.07 -6.56 -14.55
CA LEU A 70 -12.84 -5.17 -14.90
C LEU A 70 -14.17 -4.44 -14.95
N GLU A 71 -14.45 -3.67 -13.91
CA GLU A 71 -15.74 -3.02 -13.78
C GLU A 71 -15.80 -1.74 -14.59
N ASN A 72 -14.69 -1.01 -14.64
CA ASN A 72 -14.69 0.28 -15.33
C ASN A 72 -13.28 0.71 -15.71
N LYS A 73 -13.11 1.18 -16.93
CA LYS A 73 -11.81 1.69 -17.38
C LYS A 73 -11.59 3.12 -16.91
N ILE A 74 -10.41 3.38 -16.35
CA ILE A 74 -10.08 4.70 -15.81
C ILE A 74 -9.06 5.42 -16.70
N ASN A 75 -9.34 6.69 -16.99
CA ASN A 75 -8.45 7.49 -17.82
C ASN A 75 -7.76 8.62 -17.07
N GLY A 76 -8.12 8.82 -15.81
CA GLY A 76 -7.47 9.84 -15.02
C GLY A 76 -8.15 10.12 -13.69
N ILE A 77 -7.67 11.17 -13.03
CA ILE A 77 -8.19 11.57 -11.72
C ILE A 77 -8.50 13.05 -11.71
N LYS A 78 -9.64 13.42 -11.13
CA LYS A 78 -9.96 14.82 -10.89
C LYS A 78 -9.76 15.06 -9.39
N LEU A 79 -8.85 15.99 -9.06
CA LEU A 79 -8.52 16.31 -7.68
C LEU A 79 -9.15 17.64 -7.31
N TYR A 80 -10.00 17.66 -6.29
CA TYR A 80 -10.78 18.83 -5.91
C TYR A 80 -10.23 19.53 -4.67
N SER A 81 -10.13 20.86 -4.75
CA SER A 81 -9.78 21.66 -3.59
C SER A 81 -10.91 21.58 -2.54
N PRO A 82 -10.59 21.89 -1.27
CA PRO A 82 -11.64 21.89 -0.23
C PRO A 82 -12.87 22.71 -0.59
N ASP A 83 -12.68 23.89 -1.19
CA ASP A 83 -13.84 24.70 -1.59
C ASP A 83 -14.48 24.29 -2.91
N MET A 84 -13.92 23.26 -3.53
CA MET A 84 -14.38 22.70 -4.80
CA MET A 84 -14.45 22.71 -4.78
C MET A 84 -14.33 23.69 -5.96
N GLN A 85 -13.64 24.81 -5.74
CA GLN A 85 -13.50 25.80 -6.80
C GLN A 85 -12.34 25.51 -7.76
N THR A 86 -11.42 24.65 -7.36
CA THR A 86 -10.33 24.30 -8.24
C THR A 86 -10.21 22.78 -8.37
N VAL A 87 -10.24 22.31 -9.62
CA VAL A 87 -10.08 20.89 -9.91
C VAL A 87 -8.85 20.71 -10.78
N TRP A 88 -7.91 19.90 -10.30
CA TRP A 88 -6.75 19.52 -11.07
C TRP A 88 -6.99 18.18 -11.76
N THR A 89 -6.69 18.10 -13.04
CA THR A 89 -6.87 16.85 -13.76
C THR A 89 -5.51 16.21 -14.06
N VAL A 90 -5.33 14.97 -13.62
CA VAL A 90 -4.15 14.21 -13.99
C VAL A 90 -4.56 12.96 -14.76
N ASN A 91 -4.02 12.81 -15.96
CA ASN A 91 -4.40 11.70 -16.82
C ASN A 91 -3.49 10.48 -16.62
N GLY A 92 -4.07 9.29 -16.77
CA GLY A 92 -3.35 8.05 -16.57
C GLY A 92 -4.30 6.87 -16.63
N GLU A 93 -3.87 5.80 -17.28
CA GLU A 93 -4.74 4.65 -17.48
C GLU A 93 -4.75 3.68 -16.31
N GLY A 94 -5.93 3.23 -15.93
CA GLY A 94 -6.06 2.27 -14.85
C GLY A 94 -7.36 1.52 -14.89
N PHE A 95 -7.59 0.73 -13.85
CA PHE A 95 -8.74 -0.15 -13.81
C PHE A 95 -9.47 0.04 -12.50
N GLU A 96 -10.79 0.06 -12.57
CA GLU A 96 -11.61 -0.13 -11.39
C GLU A 96 -12.00 -1.60 -11.39
N LEU A 97 -11.45 -2.36 -10.44
CA LEU A 97 -11.55 -3.81 -10.44
C LEU A 97 -12.64 -4.34 -9.53
N ASN A 98 -13.12 -5.54 -9.86
CA ASN A 98 -13.76 -6.39 -8.87
C ASN A 98 -12.60 -7.13 -8.19
N ALA A 99 -12.17 -6.62 -7.05
CA ALA A 99 -10.96 -7.12 -6.40
C ALA A 99 -11.00 -8.59 -6.01
N PRO A 100 -12.06 -9.03 -5.30
CA PRO A 100 -12.10 -10.47 -4.99
C PRO A 100 -12.09 -11.35 -6.25
N LEU A 101 -12.83 -10.97 -7.28
CA LEU A 101 -12.87 -11.80 -8.49
C LEU A 101 -11.50 -11.89 -9.15
N TYR A 102 -10.82 -10.77 -9.31
CA TYR A 102 -9.49 -10.79 -9.90
C TYR A 102 -8.49 -11.55 -9.03
N ASN A 103 -8.47 -11.22 -7.74
CA ASN A 103 -7.57 -11.87 -6.77
C ASN A 103 -7.77 -13.39 -6.79
N GLN A 104 -9.01 -13.84 -6.80
CA GLN A 104 -9.28 -15.27 -6.82
C GLN A 104 -8.83 -15.91 -8.12
N ARG A 105 -8.94 -15.20 -9.23
CA ARG A 105 -8.50 -15.75 -10.51
C ARG A 105 -6.98 -15.90 -10.52
N VAL A 106 -6.26 -14.91 -10.01
CA VAL A 106 -4.80 -15.01 -9.88
C VAL A 106 -4.44 -16.25 -9.06
N LEU A 107 -5.13 -16.44 -7.94
CA LEU A 107 -4.86 -17.60 -7.10
C LEU A 107 -5.18 -18.91 -7.79
N LYS A 108 -6.31 -18.98 -8.50
CA LYS A 108 -6.68 -20.20 -9.19
C LYS A 108 -5.68 -20.54 -10.29
N GLU A 109 -5.17 -19.51 -10.96
CA GLU A 109 -4.17 -19.75 -11.99
C GLU A 109 -2.83 -20.19 -11.38
N ALA A 110 -2.44 -19.58 -10.27
CA ALA A 110 -1.25 -20.02 -9.55
C ALA A 110 -1.41 -21.50 -9.16
N GLN A 111 -2.61 -21.85 -8.70
CA GLN A 111 -2.92 -23.23 -8.31
C GLN A 111 -2.81 -24.18 -9.51
N ASP A 112 -3.38 -23.78 -10.65
CA ASP A 112 -3.25 -24.58 -11.87
C ASP A 112 -1.77 -24.71 -12.27
N ARG A 113 -0.97 -23.72 -11.89
CA ARG A 113 0.45 -23.68 -12.22
C ARG A 113 1.32 -24.26 -11.11
N GLY A 114 0.71 -25.02 -10.21
CA GLY A 114 1.47 -25.82 -9.26
C GLY A 114 1.44 -25.40 -7.80
N VAL A 115 0.91 -24.23 -7.48
CA VAL A 115 0.89 -23.76 -6.10
C VAL A 115 -0.27 -24.42 -5.34
N GLU A 116 0.01 -24.96 -4.16
N GLU A 116 0.00 -24.93 -4.15
CA GLU A 116 -1.04 -25.51 -3.33
CA GLU A 116 -1.04 -25.50 -3.31
C GLU A 116 -1.67 -24.40 -2.49
C GLU A 116 -1.66 -24.42 -2.43
N ILE A 117 -2.99 -24.40 -2.36
CA ILE A 117 -3.70 -23.37 -1.61
C ILE A 117 -4.67 -23.98 -0.61
N TRP A 118 -4.53 -23.59 0.66
CA TRP A 118 -5.49 -23.98 1.70
C TRP A 118 -6.21 -22.75 2.20
N ASP A 119 -7.51 -22.66 1.93
CA ASP A 119 -8.34 -21.60 2.48
C ASP A 119 -8.83 -21.96 3.87
N LEU A 120 -9.48 -21.00 4.53
CA LEU A 120 -9.92 -21.15 5.91
C LEU A 120 -8.79 -21.69 6.81
N THR A 121 -7.56 -21.29 6.50
CA THR A 121 -6.40 -21.80 7.21
C THR A 121 -5.55 -20.64 7.72
N THR A 122 -5.30 -20.65 9.02
CA THR A 122 -4.58 -19.55 9.66
C THR A 122 -3.20 -20.02 10.14
N ALA A 123 -2.18 -19.25 9.80
CA ALA A 123 -0.87 -19.47 10.39
C ALA A 123 -0.91 -18.89 11.80
N MET A 124 -0.85 -19.78 12.79
CA MET A 124 -1.05 -19.43 14.18
C MET A 124 0.22 -18.99 14.87
N LYS A 125 1.34 -19.62 14.54
CA LYS A 125 2.59 -19.19 15.15
C LYS A 125 3.77 -19.60 14.30
N PRO A 126 4.86 -18.82 14.37
CA PRO A 126 6.08 -19.17 13.65
C PRO A 126 6.78 -20.38 14.25
N ILE A 127 7.44 -21.14 13.38
CA ILE A 127 8.49 -22.04 13.84
C ILE A 127 9.76 -21.21 13.74
N PHE A 128 10.42 -21.00 14.88
CA PHE A 128 11.60 -20.14 14.92
C PHE A 128 12.68 -20.86 15.70
N GLU A 129 13.79 -21.16 15.05
CA GLU A 129 14.82 -21.96 15.69
C GLU A 129 16.19 -21.53 15.17
N ASP A 130 17.15 -21.45 16.08
CA ASP A 130 18.52 -21.05 15.74
C ASP A 130 18.56 -19.77 14.91
N GLY A 131 17.69 -18.82 15.24
CA GLY A 131 17.71 -17.52 14.61
C GLY A 131 16.98 -17.43 13.28
N TYR A 132 16.37 -18.53 12.84
CA TYR A 132 15.70 -18.58 11.55
C TYR A 132 14.23 -18.86 11.68
N VAL A 133 13.44 -18.20 10.85
CA VAL A 133 12.08 -18.66 10.61
C VAL A 133 12.19 -19.93 9.79
N LYS A 134 11.51 -20.99 10.23
CA LYS A 134 11.62 -22.29 9.58
C LYS A 134 10.27 -22.85 9.11
N GLY A 135 9.23 -22.05 9.25
CA GLY A 135 7.88 -22.46 8.85
C GLY A 135 6.85 -21.96 9.82
N ALA A 136 5.73 -22.67 9.94
CA ALA A 136 4.61 -22.21 10.73
C ALA A 136 3.77 -23.36 11.23
N VAL A 137 3.12 -23.16 12.38
CA VAL A 137 2.04 -24.05 12.79
C VAL A 137 0.74 -23.47 12.25
N LEU A 138 0.00 -24.29 11.53
CA LEU A 138 -1.22 -23.88 10.84
C LEU A 138 -2.42 -24.54 11.45
N PHE A 139 -3.53 -23.82 11.48
CA PHE A 139 -4.81 -24.44 11.82
C PHE A 139 -5.74 -24.35 10.61
N ASN A 140 -6.00 -25.51 10.01
CA ASN A 140 -6.86 -25.62 8.85
C ASN A 140 -8.27 -25.89 9.33
N ARG A 141 -9.16 -24.92 9.20
N ARG A 141 -9.16 -24.92 9.18
CA ARG A 141 -10.52 -25.08 9.70
CA ARG A 141 -10.53 -25.04 9.65
C ARG A 141 -11.40 -25.89 8.74
C ARG A 141 -11.48 -25.72 8.67
N ARG A 142 -10.99 -26.03 7.49
CA ARG A 142 -11.72 -26.90 6.56
C ARG A 142 -11.63 -28.35 7.01
N THR A 143 -10.41 -28.81 7.29
CA THR A 143 -10.18 -30.19 7.68
C THR A 143 -10.14 -30.36 9.19
N ASN A 144 -10.21 -29.24 9.92
CA ASN A 144 -10.13 -29.25 11.38
C ASN A 144 -8.85 -29.92 11.89
N GLU A 145 -7.72 -29.51 11.33
CA GLU A 145 -6.42 -30.09 11.65
C GLU A 145 -5.42 -28.98 11.98
N GLU A 146 -4.57 -29.24 12.98
CA GLU A 146 -3.40 -28.42 13.22
C GLU A 146 -2.23 -29.12 12.56
N LEU A 147 -1.47 -28.37 11.77
CA LEU A 147 -0.38 -28.92 10.97
C LEU A 147 0.87 -28.08 11.16
N THR A 148 2.02 -28.73 11.15
CA THR A 148 3.29 -28.03 11.12
C THR A 148 3.85 -28.09 9.71
N VAL A 149 4.09 -26.93 9.12
CA VAL A 149 4.67 -26.85 7.79
C VAL A 149 6.06 -26.22 7.88
N TYR A 150 7.05 -26.96 7.41
CA TYR A 150 8.41 -26.44 7.34
C TYR A 150 8.64 -25.85 5.97
N SER A 151 9.38 -24.75 5.94
CA SER A 151 9.70 -24.07 4.68
C SER A 151 11.08 -23.48 4.76
N LYS A 152 11.73 -23.30 3.60
CA LYS A 152 12.98 -22.54 3.57
C LYS A 152 12.73 -21.04 3.74
N VAL A 153 11.63 -20.55 3.18
CA VAL A 153 11.26 -19.13 3.30
CA VAL A 153 11.26 -19.13 3.29
C VAL A 153 9.76 -19.02 3.53
N VAL A 154 9.39 -18.19 4.49
CA VAL A 154 8.01 -17.77 4.69
C VAL A 154 7.85 -16.41 4.04
N VAL A 155 6.80 -16.25 3.24
CA VAL A 155 6.44 -14.95 2.70
C VAL A 155 5.28 -14.46 3.56
N GLU A 156 5.53 -13.40 4.34
CA GLU A 156 4.55 -12.85 5.26
C GLU A 156 3.75 -11.80 4.50
N ALA A 157 2.51 -12.15 4.17
CA ALA A 157 1.65 -11.32 3.35
C ALA A 157 0.30 -11.14 4.04
N THR A 158 0.35 -10.93 5.35
CA THR A 158 -0.86 -10.95 6.19
C THR A 158 -1.61 -9.62 6.23
N GLY A 159 -1.19 -8.66 5.41
CA GLY A 159 -1.79 -7.34 5.43
C GLY A 159 -1.52 -6.56 6.72
N TYR A 160 -2.36 -5.58 7.01
CA TYR A 160 -2.15 -4.74 8.18
C TYR A 160 -2.11 -5.56 9.48
N SER A 161 -2.77 -6.71 9.50
CA SER A 161 -2.75 -7.55 10.69
C SER A 161 -1.34 -7.87 11.17
N ARG A 162 -0.41 -8.04 10.23
CA ARG A 162 0.98 -8.42 10.57
C ARG A 162 0.99 -9.56 11.57
N SER A 163 0.10 -10.53 11.32
CA SER A 163 -0.27 -11.48 12.36
C SER A 163 0.71 -12.63 12.57
N PHE A 164 1.71 -12.73 11.70
CA PHE A 164 2.75 -13.74 11.85
C PHE A 164 4.05 -13.10 12.35
N ARG A 165 4.53 -12.09 11.64
CA ARG A 165 5.80 -11.46 12.03
C ARG A 165 5.74 -10.81 13.41
N SER A 166 4.55 -10.39 13.84
CA SER A 166 4.43 -9.75 15.15
CA SER A 166 4.39 -9.76 15.15
C SER A 166 4.65 -10.76 16.28
N LYS A 167 4.69 -12.05 15.93
CA LYS A 167 4.87 -13.11 16.93
C LYS A 167 6.32 -13.58 17.02
N LEU A 168 7.20 -12.95 16.26
CA LEU A 168 8.62 -13.26 16.32
C LEU A 168 9.28 -12.44 17.43
N PRO A 169 10.51 -12.83 17.84
CA PRO A 169 11.19 -12.09 18.92
C PRO A 169 11.31 -10.62 18.61
N PRO A 170 10.96 -9.75 19.58
CA PRO A 170 10.83 -8.32 19.31
C PRO A 170 12.14 -7.61 18.95
N GLU A 171 13.28 -8.22 19.28
CA GLU A 171 14.56 -7.61 18.96
C GLU A 171 14.89 -7.68 17.45
N LEU A 172 14.19 -8.52 16.71
CA LEU A 172 14.47 -8.67 15.28
C LEU A 172 13.85 -7.53 14.48
N PRO A 173 14.62 -7.01 13.50
CA PRO A 173 14.12 -5.86 12.72
C PRO A 173 12.85 -6.17 11.92
N ILE A 174 12.63 -7.45 11.64
CA ILE A 174 11.49 -7.88 10.87
C ILE A 174 10.17 -7.77 11.66
N THR A 175 10.27 -7.46 12.95
CA THR A 175 9.09 -7.25 13.79
C THR A 175 8.70 -5.77 13.93
N GLU A 176 9.35 -4.89 13.18
CA GLU A 176 9.12 -3.44 13.28
C GLU A 176 7.63 -3.09 13.22
N ASP A 177 7.21 -2.23 14.14
CA ASP A 177 5.82 -1.78 14.24
C ASP A 177 5.73 -0.40 13.60
N LEU A 178 4.55 0.20 13.59
CA LEU A 178 4.47 1.57 13.08
C LEU A 178 3.72 2.48 14.02
N ASP A 179 4.02 3.76 13.93
CA ASP A 179 3.37 4.77 14.72
C ASP A 179 1.92 4.90 14.28
N ASP A 180 1.03 5.13 15.25
CA ASP A 180 -0.39 5.27 14.93
C ASP A 180 -0.66 6.38 13.89
N LYS A 181 0.19 7.40 13.87
CA LYS A 181 0.02 8.50 12.93
C LYS A 181 0.56 8.16 11.54
N ASP A 182 1.13 6.97 11.38
CA ASP A 182 1.67 6.53 10.08
C ASP A 182 0.71 5.55 9.39
N ALA A 183 -0.58 5.65 9.71
CA ALA A 183 -1.62 4.93 8.99
C ALA A 183 -2.88 5.76 8.99
N ASP A 184 -3.76 5.45 8.06
CA ASP A 184 -5.10 6.01 8.05
CA ASP A 184 -5.12 5.97 8.06
C ASP A 184 -6.11 4.89 8.32
N VAL A 185 -7.27 5.26 8.85
CA VAL A 185 -8.39 4.35 8.83
C VAL A 185 -9.21 4.82 7.64
N ALA A 186 -9.71 3.89 6.86
CA ALA A 186 -10.48 4.23 5.67
C ALA A 186 -11.72 3.36 5.59
N TYR A 187 -12.79 3.91 5.00
CA TYR A 187 -14.07 3.26 4.96
C TYR A 187 -14.72 3.57 3.64
N ARG A 188 -15.42 2.61 3.05
CA ARG A 188 -16.10 2.85 1.78
C ARG A 188 -17.38 2.05 1.65
N GLU A 189 -18.26 2.54 0.77
CA GLU A 189 -19.42 1.79 0.32
C GLU A 189 -19.46 1.77 -1.20
N VAL A 190 -20.08 0.74 -1.76
CA VAL A 190 -20.39 0.76 -3.18
C VAL A 190 -21.90 0.90 -3.33
N LEU A 191 -22.32 1.92 -4.06
CA LEU A 191 -23.74 2.24 -4.21
C LEU A 191 -24.11 2.48 -5.68
N LEU A 192 -25.37 2.20 -6.01
CA LEU A 192 -25.92 2.60 -7.29
C LEU A 192 -26.27 4.09 -7.24
N THR A 193 -26.25 4.74 -8.40
CA THR A 193 -26.58 6.17 -8.49
C THR A 193 -27.89 6.40 -9.25
N LYS A 194 -28.55 7.52 -8.96
CA LYS A 194 -29.85 7.84 -9.55
C LYS A 194 -29.68 8.57 -10.88
N GLU A 195 -28.53 9.19 -11.04
CA GLU A 195 -28.23 9.97 -12.24
C GLU A 195 -26.93 9.43 -12.83
N ASP A 196 -26.81 9.46 -14.15
CA ASP A 196 -25.59 9.03 -14.84
C ASP A 196 -24.40 9.77 -14.27
N ILE A 197 -23.30 9.05 -14.10
CA ILE A 197 -22.09 9.65 -13.57
C ILE A 197 -21.36 10.43 -14.65
N GLU A 198 -21.16 11.72 -14.39
CA GLU A 198 -20.41 12.59 -15.30
C GLU A 198 -18.95 12.17 -15.35
N ASP A 199 -18.40 12.06 -16.57
CA ASP A 199 -17.01 11.69 -16.77
C ASP A 199 -16.67 10.45 -15.95
N HIS A 200 -17.42 9.39 -16.18
CA HIS A 200 -17.32 8.19 -15.35
C HIS A 200 -15.99 7.45 -15.52
N ASP A 201 -15.18 7.86 -16.50
CA ASP A 201 -13.83 7.31 -16.64
C ASP A 201 -12.79 8.04 -15.78
N TYR A 202 -13.24 9.02 -14.99
CA TYR A 202 -12.34 9.71 -14.08
C TYR A 202 -12.69 9.46 -12.62
N LEU A 203 -11.68 9.07 -11.84
CA LEU A 203 -11.83 9.03 -10.39
C LEU A 203 -11.91 10.44 -9.85
N ARG A 204 -12.58 10.60 -8.71
CA ARG A 204 -12.62 11.89 -8.03
C ARG A 204 -12.03 11.77 -6.64
N ILE A 205 -11.11 12.68 -6.32
CA ILE A 205 -10.50 12.75 -5.01
C ILE A 205 -10.76 14.15 -4.47
N PHE A 206 -11.29 14.24 -3.25
CA PHE A 206 -11.67 15.51 -2.64
C PHE A 206 -10.81 15.74 -1.42
N ILE A 207 -9.96 16.75 -1.50
CA ILE A 207 -9.15 17.11 -0.35
C ILE A 207 -9.97 18.00 0.57
N ASP A 208 -9.98 17.69 1.87
CA ASP A 208 -10.68 18.52 2.84
C ASP A 208 -10.29 18.13 4.26
N GLN A 209 -9.57 19.01 4.95
CA GLN A 209 -9.08 18.72 6.28
C GLN A 209 -10.16 18.69 7.36
N GLU A 210 -11.34 19.24 7.05
CA GLU A 210 -12.45 19.22 7.99
C GLU A 210 -13.28 17.94 7.87
N THR A 211 -13.51 17.48 6.64
CA THR A 211 -14.37 16.32 6.43
C THR A 211 -13.61 15.00 6.33
N SER A 212 -12.30 15.07 6.12
CA SER A 212 -11.44 13.88 6.05
C SER A 212 -10.04 14.24 6.52
N PRO A 213 -9.91 14.64 7.79
CA PRO A 213 -8.61 15.12 8.27
C PRO A 213 -7.48 14.12 8.09
N GLY A 214 -6.44 14.55 7.39
CA GLY A 214 -5.27 13.72 7.20
C GLY A 214 -5.39 12.71 6.09
N GLY A 215 -6.51 12.72 5.38
CA GLY A 215 -6.71 11.83 4.24
C GLY A 215 -7.45 12.56 3.14
N TYR A 216 -8.49 11.94 2.63
CA TYR A 216 -9.34 12.56 1.63
C TYR A 216 -10.61 11.74 1.45
N TRP A 217 -11.59 12.35 0.79
CA TRP A 217 -12.79 11.66 0.33
C TRP A 217 -12.58 11.26 -1.12
N TRP A 218 -13.26 10.19 -1.53
CA TRP A 218 -13.17 9.80 -2.93
C TRP A 218 -14.49 9.31 -3.49
N TYR A 219 -14.57 9.34 -4.81
CA TYR A 219 -15.76 8.93 -5.56
C TYR A 219 -15.17 8.25 -6.80
N PHE A 220 -15.11 6.92 -6.78
CA PHE A 220 -14.44 6.14 -7.82
C PHE A 220 -15.53 5.39 -8.61
N PRO A 221 -15.86 5.88 -9.83
CA PRO A 221 -16.94 5.19 -10.56
C PRO A 221 -16.56 3.78 -10.97
N LYS A 222 -17.52 2.86 -10.79
CA LYS A 222 -17.37 1.48 -11.20
C LYS A 222 -18.26 1.17 -12.41
N GLY A 223 -18.83 2.22 -13.00
CA GLY A 223 -19.72 2.10 -14.13
C GLY A 223 -20.40 3.44 -14.31
N LYS A 224 -21.42 3.48 -15.17
CA LYS A 224 -22.15 4.71 -15.44
C LYS A 224 -23.09 5.05 -14.30
N ASN A 225 -23.43 4.06 -13.49
CA ASN A 225 -24.43 4.22 -12.43
C ASN A 225 -24.06 3.47 -11.15
N LYS A 226 -22.76 3.31 -10.90
CA LYS A 226 -22.30 2.60 -9.73
C LYS A 226 -20.98 3.22 -9.28
N VAL A 227 -20.83 3.42 -7.97
CA VAL A 227 -19.67 4.13 -7.47
C VAL A 227 -19.17 3.57 -6.14
N ASN A 228 -17.84 3.54 -6.02
CA ASN A 228 -17.16 3.24 -4.76
C ASN A 228 -16.82 4.60 -4.12
N VAL A 229 -17.49 4.92 -3.03
CA VAL A 229 -17.34 6.23 -2.38
C VAL A 229 -16.84 6.01 -0.95
N GLY A 230 -15.86 6.78 -0.52
CA GLY A 230 -15.31 6.58 0.80
C GLY A 230 -14.41 7.71 1.26
N LEU A 231 -13.77 7.48 2.40
CA LEU A 231 -12.80 8.44 2.91
C LEU A 231 -11.76 7.76 3.76
N GLY A 232 -10.63 8.44 3.94
CA GLY A 232 -9.58 8.02 4.85
C GLY A 232 -9.28 9.18 5.77
N ILE A 233 -9.00 8.87 7.03
CA ILE A 233 -8.55 9.90 7.99
C ILE A 233 -7.33 9.38 8.73
N GLN A 234 -6.46 10.30 9.13
CA GLN A 234 -5.22 9.93 9.81
C GLN A 234 -5.49 9.33 11.19
N GLY A 235 -4.81 8.23 11.49
CA GLY A 235 -4.87 7.66 12.82
C GLY A 235 -4.03 8.38 13.86
N GLY A 236 -4.19 8.02 15.13
CA GLY A 236 -3.34 8.57 16.18
C GLY A 236 -3.60 10.02 16.52
N MET A 237 -4.73 10.57 16.08
CA MET A 237 -5.03 11.99 16.27
C MET A 237 -6.26 12.22 17.15
N GLY A 238 -6.93 11.15 17.58
CA GLY A 238 -8.09 11.28 18.44
C GLY A 238 -9.38 11.64 17.74
N TYR A 239 -9.40 11.52 16.42
CA TYR A 239 -10.59 11.86 15.62
C TYR A 239 -11.74 10.91 15.96
N PRO A 240 -12.98 11.41 15.88
CA PRO A 240 -14.19 10.60 16.09
C PRO A 240 -14.31 9.50 15.05
N SER A 241 -15.32 8.66 15.23
CA SER A 241 -15.56 7.49 14.39
C SER A 241 -15.63 7.86 12.92
N ILE A 242 -14.88 7.11 12.11
CA ILE A 242 -14.90 7.34 10.66
C ILE A 242 -16.31 7.09 10.10
N HIS A 243 -17.06 6.17 10.72
CA HIS A 243 -18.43 5.90 10.30
C HIS A 243 -19.27 7.16 10.45
N GLU A 244 -18.95 7.97 11.46
CA GLU A 244 -19.71 9.19 11.71
C GLU A 244 -19.32 10.29 10.72
N TYR A 245 -18.04 10.38 10.37
CA TYR A 245 -17.63 11.29 9.30
C TYR A 245 -18.33 10.94 8.02
N TYR A 246 -18.36 9.65 7.69
CA TYR A 246 -18.99 9.18 6.46
C TYR A 246 -20.46 9.57 6.40
N LYS A 247 -21.21 9.26 7.46
CA LYS A 247 -22.62 9.61 7.51
C LYS A 247 -22.87 11.11 7.39
N LYS A 248 -22.01 11.89 8.04
CA LYS A 248 -22.22 13.33 8.09
C LYS A 248 -21.98 14.01 6.74
N TYR A 249 -20.95 13.57 6.02
CA TYR A 249 -20.51 14.29 4.84
C TYR A 249 -20.76 13.60 3.49
N LEU A 250 -21.33 12.40 3.51
CA LEU A 250 -21.59 11.67 2.26
C LEU A 250 -22.31 12.52 1.20
N ASP A 251 -23.34 13.25 1.62
CA ASP A 251 -24.13 14.05 0.68
C ASP A 251 -23.32 15.13 -0.06
N LYS A 252 -22.26 15.61 0.57
CA LYS A 252 -21.38 16.60 -0.05
C LYS A 252 -20.71 16.02 -1.28
N TYR A 253 -20.32 14.75 -1.18
CA TYR A 253 -19.49 14.13 -2.21
C TYR A 253 -20.24 13.17 -3.13
N ALA A 254 -21.39 12.69 -2.66
CA ALA A 254 -22.19 11.74 -3.43
C ALA A 254 -23.67 12.05 -3.24
N PRO A 255 -24.12 13.22 -3.71
CA PRO A 255 -25.53 13.56 -3.56
C PRO A 255 -26.42 12.67 -4.42
N ASP A 256 -25.82 11.97 -5.38
CA ASP A 256 -26.53 11.20 -6.39
C ASP A 256 -26.78 9.74 -6.04
N VAL A 257 -26.21 9.25 -4.94
CA VAL A 257 -26.31 7.82 -4.65
C VAL A 257 -27.68 7.44 -4.10
N ASP A 258 -28.08 6.20 -4.37
CA ASP A 258 -29.29 5.64 -3.82
C ASP A 258 -28.91 4.87 -2.56
N LYS A 259 -29.18 5.45 -1.40
CA LYS A 259 -28.78 4.85 -0.14
C LYS A 259 -29.57 3.59 0.24
N SER A 260 -30.54 3.24 -0.60
CA SER A 260 -31.27 1.99 -0.42
C SER A 260 -30.68 0.86 -1.28
N LYS A 261 -29.73 1.22 -2.16
CA LYS A 261 -29.13 0.27 -3.10
CA LYS A 261 -29.14 0.22 -3.06
C LYS A 261 -27.63 0.11 -2.87
N LEU A 262 -27.27 -0.39 -1.71
CA LEU A 262 -25.88 -0.60 -1.34
C LEU A 262 -25.42 -2.03 -1.73
N LEU A 263 -24.24 -2.14 -2.33
CA LEU A 263 -23.70 -3.46 -2.73
C LEU A 263 -22.66 -3.99 -1.75
N VAL A 264 -21.93 -3.10 -1.08
CA VAL A 264 -20.91 -3.51 -0.13
C VAL A 264 -20.57 -2.33 0.79
N LYS A 265 -20.12 -2.61 2.00
CA LYS A 265 -19.69 -1.57 2.93
C LYS A 265 -18.66 -2.11 3.91
N GLY A 266 -17.71 -1.27 4.29
CA GLY A 266 -16.70 -1.69 5.24
C GLY A 266 -15.47 -0.82 5.23
N GLY A 267 -14.67 -0.98 6.28
CA GLY A 267 -13.45 -0.21 6.44
C GLY A 267 -12.31 -1.08 6.94
N ALA A 268 -11.12 -0.49 6.93
CA ALA A 268 -9.90 -1.14 7.37
C ALA A 268 -8.80 -0.10 7.51
N LEU A 269 -7.68 -0.51 8.12
CA LEU A 269 -6.54 0.37 8.23
C LEU A 269 -5.62 0.27 7.01
N VAL A 270 -4.94 1.36 6.70
CA VAL A 270 -3.97 1.37 5.61
CA VAL A 270 -3.96 1.43 5.60
C VAL A 270 -2.70 2.12 6.05
N PRO A 271 -1.56 1.44 5.97
CA PRO A 271 -0.31 2.15 6.34
C PRO A 271 0.02 3.26 5.34
N THR A 272 0.65 4.33 5.81
CA THR A 272 0.98 5.46 4.95
C THR A 272 2.39 5.95 5.21
N ARG A 273 3.38 5.08 5.05
CA ARG A 273 4.76 5.43 5.38
C ARG A 273 5.74 4.69 4.49
N ARG A 274 7.02 5.01 4.64
CA ARG A 274 8.12 4.26 4.04
C ARG A 274 7.97 2.77 4.38
N PRO A 275 8.56 1.87 3.57
CA PRO A 275 8.38 0.45 3.88
C PRO A 275 9.11 0.03 5.15
N LEU A 276 8.87 -1.21 5.58
CA LEU A 276 9.66 -1.80 6.65
C LEU A 276 11.13 -1.58 6.35
N TYR A 277 11.91 -1.15 7.34
CA TYR A 277 13.32 -0.85 7.11
C TYR A 277 14.06 -2.01 6.47
N THR A 278 13.77 -3.23 6.93
CA THR A 278 14.09 -4.41 6.13
C THR A 278 12.85 -5.27 5.93
N MET A 279 12.67 -5.74 4.70
CA MET A 279 11.58 -6.63 4.35
C MET A 279 12.10 -8.07 4.27
N ALA A 280 13.34 -8.28 4.69
CA ALA A 280 13.95 -9.62 4.68
C ALA A 280 14.67 -9.91 5.98
N TRP A 281 14.57 -11.14 6.46
CA TRP A 281 15.40 -11.60 7.55
C TRP A 281 15.64 -13.10 7.35
N ASN A 282 16.24 -13.77 8.33
CA ASN A 282 16.55 -15.18 8.18
C ASN A 282 15.29 -16.01 8.00
N GLY A 283 15.13 -16.60 6.81
CA GLY A 283 13.99 -17.46 6.53
C GLY A 283 12.67 -16.77 6.26
N ILE A 284 12.67 -15.45 6.08
CA ILE A 284 11.40 -14.73 5.94
C ILE A 284 11.51 -13.47 5.09
N ILE A 285 10.50 -13.24 4.26
CA ILE A 285 10.32 -11.99 3.54
C ILE A 285 8.93 -11.47 3.85
N VAL A 286 8.79 -10.15 4.01
CA VAL A 286 7.52 -9.51 4.30
C VAL A 286 7.10 -8.64 3.12
N ILE A 287 5.84 -8.73 2.72
CA ILE A 287 5.34 -8.00 1.55
C ILE A 287 3.98 -7.36 1.81
N GLY A 288 3.55 -6.49 0.90
CA GLY A 288 2.25 -5.86 1.01
C GLY A 288 2.09 -4.95 2.22
N ASP A 289 0.84 -4.79 2.65
CA ASP A 289 0.58 -3.94 3.80
C ASP A 289 1.37 -4.35 5.04
N SER A 290 1.62 -5.65 5.21
CA SER A 290 2.42 -6.10 6.34
C SER A 290 3.81 -5.49 6.33
N GLY A 291 4.33 -5.22 5.14
CA GLY A 291 5.62 -4.57 4.98
C GLY A 291 5.53 -3.08 4.69
N PHE A 292 4.34 -2.52 4.87
CA PHE A 292 4.09 -1.08 4.66
C PHE A 292 4.41 -0.62 3.24
N THR A 293 3.91 -1.33 2.24
CA THR A 293 4.22 -0.99 0.84
C THR A 293 3.36 0.12 0.19
N VAL A 294 2.45 0.70 0.94
CA VAL A 294 1.47 1.63 0.39
C VAL A 294 2.07 3.00 0.08
N ASN A 295 1.67 3.59 -1.03
CA ASN A 295 2.06 4.97 -1.37
C ASN A 295 1.59 5.95 -0.27
N PRO A 296 2.52 6.66 0.38
CA PRO A 296 2.10 7.50 1.52
C PRO A 296 1.25 8.72 1.17
N VAL A 297 1.31 9.18 -0.08
CA VAL A 297 0.58 10.39 -0.44
C VAL A 297 -0.82 10.09 -0.97
N HIS A 298 -0.97 9.05 -1.78
CA HIS A 298 -2.32 8.74 -2.27
C HIS A 298 -2.98 7.52 -1.66
N GLY A 299 -2.25 6.72 -0.89
CA GLY A 299 -2.85 5.60 -0.20
C GLY A 299 -3.05 4.35 -1.05
N GLY A 300 -2.59 4.39 -2.29
CA GLY A 300 -2.71 3.22 -3.17
C GLY A 300 -1.67 2.17 -2.84
N GLY A 301 -2.14 0.96 -2.58
CA GLY A 301 -1.25 -0.13 -2.20
C GLY A 301 -1.40 -1.43 -2.97
N LYS A 302 -2.40 -1.57 -3.84
CA LYS A 302 -2.50 -2.82 -4.58
C LYS A 302 -1.38 -2.96 -5.61
N GLY A 303 -1.06 -1.89 -6.33
CA GLY A 303 0.07 -1.93 -7.26
C GLY A 303 1.39 -2.22 -6.59
N SER A 304 1.68 -1.50 -5.52
CA SER A 304 2.93 -1.70 -4.81
C SER A 304 2.95 -3.07 -4.10
N ALA A 305 1.79 -3.57 -3.67
CA ALA A 305 1.72 -4.95 -3.17
C ALA A 305 2.21 -5.91 -4.23
N MET A 306 1.72 -5.75 -5.47
CA MET A 306 2.18 -6.60 -6.56
C MET A 306 3.68 -6.46 -6.84
N ILE A 307 4.20 -5.23 -6.78
CA ILE A 307 5.63 -5.02 -6.92
C ILE A 307 6.37 -5.80 -5.83
N SER A 308 5.89 -5.72 -4.60
CA SER A 308 6.57 -6.45 -3.52
C SER A 308 6.52 -7.97 -3.72
N GLY A 309 5.44 -8.50 -4.28
CA GLY A 309 5.38 -9.91 -4.58
C GLY A 309 6.37 -10.31 -5.66
N TYR A 310 6.49 -9.48 -6.69
CA TYR A 310 7.49 -9.64 -7.73
C TYR A 310 8.90 -9.68 -7.14
N CYS A 311 9.22 -8.73 -6.27
CA CYS A 311 10.56 -8.68 -5.69
C CYS A 311 10.81 -9.85 -4.77
N ALA A 312 9.78 -10.29 -4.04
CA ALA A 312 9.92 -11.46 -3.19
C ALA A 312 10.24 -12.70 -4.01
N ALA A 313 9.51 -12.89 -5.09
CA ALA A 313 9.74 -14.04 -5.95
C ALA A 313 11.17 -14.04 -6.48
N LYS A 314 11.64 -12.86 -6.91
CA LYS A 314 13.00 -12.75 -7.44
C LYS A 314 14.05 -13.12 -6.39
N ALA A 315 13.87 -12.61 -5.17
CA ALA A 315 14.82 -12.86 -4.10
C ALA A 315 14.83 -14.33 -3.71
N ILE A 316 13.65 -14.94 -3.69
CA ILE A 316 13.53 -16.34 -3.31
C ILE A 316 14.19 -17.25 -4.35
N LEU A 317 13.97 -16.95 -5.63
CA LEU A 317 14.62 -17.73 -6.68
C LEU A 317 16.15 -17.64 -6.56
N SER A 318 16.67 -16.46 -6.23
CA SER A 318 18.11 -16.29 -6.01
CA SER A 318 18.11 -16.32 -6.04
C SER A 318 18.60 -17.14 -4.83
N ALA A 319 17.84 -17.11 -3.75
CA ALA A 319 18.19 -17.85 -2.55
C ALA A 319 18.25 -19.35 -2.79
N PHE A 320 17.36 -19.86 -3.65
CA PHE A 320 17.41 -21.28 -4.00
C PHE A 320 18.64 -21.63 -4.85
N GLU A 321 19.19 -20.65 -5.54
CA GLU A 321 20.43 -20.83 -6.31
C GLU A 321 21.66 -20.91 -5.41
N THR A 322 21.67 -20.10 -4.36
CA THR A 322 22.83 -20.02 -3.48
C THR A 322 22.71 -20.98 -2.31
N GLY A 323 21.48 -21.36 -1.98
CA GLY A 323 21.20 -22.15 -0.80
C GLY A 323 21.22 -21.33 0.47
N ASP A 324 21.27 -20.02 0.33
CA ASP A 324 21.42 -19.09 1.45
C ASP A 324 20.10 -18.37 1.75
N PHE A 325 19.44 -18.78 2.84
CA PHE A 325 18.14 -18.22 3.21
C PHE A 325 18.26 -17.28 4.41
N SER A 326 19.49 -16.89 4.72
CA SER A 326 19.71 -15.87 5.73
C SER A 326 19.22 -14.51 5.24
N ALA A 327 19.22 -13.55 6.15
CA ALA A 327 18.91 -12.18 5.77
C ALA A 327 19.74 -11.74 4.56
N SER A 328 21.04 -12.03 4.60
CA SER A 328 21.92 -11.65 3.50
CA SER A 328 21.91 -11.65 3.49
C SER A 328 21.52 -12.38 2.21
N GLY A 329 21.15 -13.65 2.35
CA GLY A 329 20.74 -14.44 1.20
C GLY A 329 19.45 -13.96 0.55
N LEU A 330 18.60 -13.29 1.33
CA LEU A 330 17.32 -12.80 0.85
C LEU A 330 17.34 -11.28 0.65
N TRP A 331 18.50 -10.67 0.85
CA TRP A 331 18.62 -9.20 0.91
C TRP A 331 18.22 -8.51 -0.40
N ASP A 332 18.29 -9.23 -1.52
N ASP A 332 18.28 -9.22 -1.51
CA ASP A 332 17.89 -8.67 -2.81
CA ASP A 332 17.89 -8.65 -2.81
C ASP A 332 16.43 -8.22 -2.79
C ASP A 332 16.43 -8.24 -2.82
N MET A 333 15.64 -8.77 -1.87
CA MET A 333 14.27 -8.32 -1.70
C MET A 333 14.26 -6.83 -1.46
N ASN A 334 15.12 -6.38 -0.54
CA ASN A 334 15.22 -4.98 -0.19
C ASN A 334 15.74 -4.15 -1.35
N ILE A 335 16.81 -4.62 -1.98
CA ILE A 335 17.40 -3.87 -3.09
C ILE A 335 16.39 -3.67 -4.22
N CYS A 336 15.73 -4.76 -4.61
CA CYS A 336 14.72 -4.72 -5.67
C CYS A 336 13.57 -3.79 -5.29
N TYR A 337 13.01 -3.98 -4.09
CA TYR A 337 11.84 -3.18 -3.72
C TYR A 337 12.14 -1.70 -3.57
N VAL A 338 13.25 -1.36 -2.92
CA VAL A 338 13.64 0.04 -2.80
C VAL A 338 13.85 0.68 -4.18
N ASN A 339 14.48 -0.03 -5.11
CA ASN A 339 14.65 0.50 -6.45
C ASN A 339 13.33 0.69 -7.19
N GLU A 340 12.42 -0.27 -7.04
CA GLU A 340 11.18 -0.23 -7.82
C GLU A 340 10.11 0.69 -7.25
N TYR A 341 10.11 0.92 -5.93
CA TYR A 341 9.05 1.69 -5.31
C TYR A 341 9.43 2.31 -3.95
N GLY A 342 10.24 1.62 -3.16
CA GLY A 342 10.48 2.02 -1.79
C GLY A 342 11.17 3.36 -1.57
N ALA A 343 12.12 3.70 -2.44
CA ALA A 343 12.82 4.98 -2.31
C ALA A 343 11.83 6.12 -2.56
N LYS A 344 11.01 5.96 -3.58
CA LYS A 344 9.93 6.91 -3.83
C LYS A 344 8.99 7.03 -2.63
N GLN A 345 8.63 5.89 -2.04
CA GLN A 345 7.79 5.90 -0.86
C GLN A 345 8.37 6.73 0.25
N ALA A 346 9.67 6.59 0.48
CA ALA A 346 10.33 7.31 1.56
C ALA A 346 10.22 8.82 1.35
N SER A 347 10.47 9.27 0.13
CA SER A 347 10.31 10.67 -0.23
CA SER A 347 10.31 10.68 -0.19
C SER A 347 8.88 11.14 0.02
N LEU A 348 7.92 10.31 -0.36
CA LEU A 348 6.52 10.65 -0.21
C LEU A 348 6.05 10.61 1.25
N ASP A 349 6.76 9.86 2.09
CA ASP A 349 6.48 9.84 3.54
C ASP A 349 6.71 11.24 4.10
N ILE A 350 7.78 11.91 3.67
CA ILE A 350 8.03 13.28 4.06
CA ILE A 350 8.06 13.30 4.03
C ILE A 350 6.97 14.22 3.49
N PHE A 351 6.66 14.07 2.20
CA PHE A 351 5.70 14.96 1.55
C PHE A 351 4.30 14.84 2.20
N ARG A 352 3.88 13.62 2.50
CA ARG A 352 2.62 13.39 3.21
C ARG A 352 2.51 14.18 4.51
N ARG A 353 3.58 14.19 5.30
CA ARG A 353 3.57 14.84 6.60
C ARG A 353 3.30 16.32 6.44
N PHE A 354 3.91 16.92 5.43
CA PHE A 354 3.65 18.30 5.07
C PHE A 354 2.18 18.50 4.68
N LEU A 355 1.69 17.70 3.74
CA LEU A 355 0.33 17.87 3.23
C LEU A 355 -0.68 17.74 4.37
N GLN A 356 -0.46 16.77 5.26
CA GLN A 356 -1.40 16.56 6.37
C GLN A 356 -1.46 17.73 7.35
N LYS A 357 -0.47 18.62 7.34
CA LYS A 357 -0.46 19.77 8.24
C LYS A 357 -1.02 21.03 7.61
N LEU A 358 -1.35 20.99 6.32
CA LEU A 358 -1.87 22.18 5.63
C LEU A 358 -3.32 22.42 6.00
N SER A 359 -3.71 23.69 6.05
CA SER A 359 -5.11 24.02 6.31
C SER A 359 -5.91 23.99 5.01
N ASN A 360 -7.24 23.96 5.13
CA ASN A 360 -8.07 24.10 3.94
C ASN A 360 -7.75 25.39 3.20
N ASP A 361 -7.51 26.49 3.93
CA ASP A 361 -7.20 27.76 3.28
C ASP A 361 -5.91 27.63 2.47
N ASP A 362 -4.93 26.92 3.04
CA ASP A 362 -3.65 26.70 2.34
C ASP A 362 -3.85 25.93 1.03
N ILE A 363 -4.64 24.88 1.09
CA ILE A 363 -4.86 24.03 -0.08
C ILE A 363 -5.68 24.77 -1.14
N ASN A 364 -6.75 25.45 -0.72
CA ASN A 364 -7.53 26.26 -1.64
C ASN A 364 -6.67 27.30 -2.37
N TYR A 365 -5.82 27.99 -1.60
CA TYR A 365 -4.97 29.03 -2.16
C TYR A 365 -3.95 28.45 -3.11
N GLY A 366 -3.25 27.40 -2.68
CA GLY A 366 -2.21 26.78 -3.48
C GLY A 366 -2.74 26.21 -4.77
N MET A 367 -3.91 25.57 -4.72
CA MET A 367 -4.52 25.02 -5.93
C MET A 367 -5.01 26.12 -6.87
N LYS A 368 -5.71 27.11 -6.31
CA LYS A 368 -6.23 28.18 -7.15
C LYS A 368 -5.12 28.98 -7.83
N LYS A 369 -4.03 29.22 -7.10
CA LYS A 369 -2.93 30.02 -7.62
C LYS A 369 -1.95 29.19 -8.44
N LYS A 370 -2.23 27.90 -8.59
CA LYS A 370 -1.37 27.00 -9.36
C LYS A 370 0.06 27.00 -8.81
N ILE A 371 0.18 26.78 -7.50
CA ILE A 371 1.46 26.75 -6.81
C ILE A 371 2.44 25.79 -7.50
N ILE A 372 1.92 24.65 -7.97
CA ILE A 372 2.65 23.76 -8.84
C ILE A 372 1.72 23.34 -9.97
N LYS A 373 2.28 22.80 -11.04
CA LYS A 373 1.45 22.32 -12.14
C LYS A 373 0.88 20.94 -11.82
N GLU A 374 -0.19 20.58 -12.52
CA GLU A 374 -0.76 19.24 -12.42
C GLU A 374 0.31 18.19 -12.71
N GLU A 375 1.13 18.45 -13.72
CA GLU A 375 2.21 17.55 -14.08
C GLU A 375 3.27 17.44 -12.98
N ASP A 376 3.46 18.52 -12.22
CA ASP A 376 4.41 18.49 -11.10
C ASP A 376 3.90 17.58 -9.99
N LEU A 377 2.59 17.62 -9.74
CA LEU A 377 2.01 16.75 -8.73
C LEU A 377 2.18 15.29 -9.12
N LEU A 378 2.00 15.01 -10.41
CA LEU A 378 2.16 13.66 -10.93
C LEU A 378 3.60 13.18 -10.77
N GLU A 379 4.54 14.07 -11.05
CA GLU A 379 5.96 13.76 -10.89
C GLU A 379 6.29 13.40 -9.44
N ALA A 380 5.72 14.15 -8.50
CA ALA A 380 5.87 13.82 -7.09
C ALA A 380 5.27 12.44 -6.76
N SER A 381 4.03 12.22 -7.19
CA SER A 381 3.32 10.97 -6.92
C SER A 381 4.00 9.75 -7.53
N GLU A 382 4.55 9.91 -8.73
CA GLU A 382 5.07 8.77 -9.48
C GLU A 382 6.58 8.54 -9.35
N LYS A 383 7.33 9.61 -9.07
CA LYS A 383 8.77 9.46 -8.94
C LYS A 383 9.26 9.85 -7.54
N GLY A 384 8.43 10.53 -6.78
CA GLY A 384 8.79 11.00 -5.47
C GLY A 384 9.71 12.21 -5.51
N ASP A 385 9.71 12.90 -6.65
CA ASP A 385 10.60 14.04 -6.82
C ASP A 385 9.83 15.35 -6.78
N LEU A 386 10.37 16.29 -6.02
CA LEU A 386 9.87 17.65 -6.03
C LEU A 386 11.10 18.50 -6.28
N HIS A 387 11.32 18.87 -7.53
CA HIS A 387 12.57 19.50 -7.92
C HIS A 387 12.69 20.86 -7.28
N LEU A 388 13.89 21.18 -6.80
CA LEU A 388 14.16 22.45 -6.10
C LEU A 388 13.70 23.63 -6.94
N SER A 389 13.84 23.48 -8.25
CA SER A 389 13.37 24.46 -9.22
C SER A 389 11.86 24.74 -9.13
N VAL A 390 11.06 23.68 -9.20
CA VAL A 390 9.61 23.77 -9.09
C VAL A 390 9.22 24.38 -7.76
N ALA A 391 10.00 24.04 -6.73
CA ALA A 391 9.80 24.63 -5.42
C ALA A 391 10.03 26.14 -5.46
N ASP A 392 11.06 26.57 -6.17
CA ASP A 392 11.36 28.01 -6.27
C ASP A 392 10.22 28.76 -6.94
N LYS A 393 9.69 28.20 -8.03
CA LYS A 393 8.56 28.80 -8.73
C LYS A 393 7.34 28.89 -7.81
N ALA A 394 7.09 27.82 -7.05
CA ALA A 394 6.01 27.79 -6.09
C ALA A 394 6.12 28.93 -5.07
N MET A 395 7.34 29.15 -4.59
CA MET A 395 7.55 30.20 -3.59
C MET A 395 7.31 31.59 -4.16
N ARG A 396 7.65 31.77 -5.42
CA ARG A 396 7.33 33.03 -6.08
C ARG A 396 5.82 33.19 -6.23
N VAL A 397 5.12 32.09 -6.55
CA VAL A 397 3.68 32.13 -6.74
C VAL A 397 2.94 32.59 -5.47
N ILE A 398 3.40 32.16 -4.31
CA ILE A 398 2.69 32.46 -3.08
C ILE A 398 3.27 33.65 -2.34
N SER A 399 4.18 34.38 -2.99
CA SER A 399 4.94 35.42 -2.32
C SER A 399 4.07 36.60 -1.90
N GLY A 400 2.86 36.66 -2.42
CA GLY A 400 1.92 37.71 -2.09
C GLY A 400 1.00 37.35 -0.94
N LEU A 401 1.08 36.12 -0.44
CA LEU A 401 0.19 35.65 0.61
C LEU A 401 0.45 36.42 1.91
N GLY A 402 -0.59 37.02 2.46
CA GLY A 402 -0.45 37.92 3.59
C GLY A 402 -0.89 37.39 4.93
N ARG A 403 -0.60 36.12 5.20
CA ARG A 403 -0.87 35.53 6.50
C ARG A 403 0.18 34.46 6.74
N PRO A 404 0.35 34.04 8.00
CA PRO A 404 1.23 32.90 8.27
C PRO A 404 0.75 31.66 7.55
N SER A 405 1.67 30.88 7.02
CA SER A 405 1.30 29.64 6.34
C SER A 405 2.44 28.64 6.26
N LEU A 406 2.11 27.37 6.48
CA LEU A 406 3.08 26.31 6.29
C LEU A 406 3.50 26.16 4.83
N LEU A 407 2.75 26.77 3.90
CA LEU A 407 3.13 26.67 2.50
C LEU A 407 4.53 27.19 2.24
N PHE A 408 4.98 28.16 3.03
CA PHE A 408 6.30 28.76 2.85
C PHE A 408 7.45 27.80 3.18
N LYS A 409 7.13 26.63 3.72
CA LYS A 409 8.15 25.63 4.02
C LYS A 409 8.38 24.66 2.87
N LEU A 410 7.77 24.92 1.72
CA LEU A 410 7.77 23.93 0.65
C LEU A 410 9.19 23.66 0.14
N LYS A 411 10.02 24.69 0.10
CA LYS A 411 11.40 24.51 -0.34
C LYS A 411 12.15 23.56 0.57
N ALA A 412 12.00 23.75 1.87
CA ALA A 412 12.63 22.88 2.86
C ALA A 412 12.08 21.45 2.75
N VAL A 413 10.79 21.32 2.46
CA VAL A 413 10.18 20.02 2.28
C VAL A 413 10.85 19.31 1.11
N ALA A 414 11.02 20.03 -0.01
CA ALA A 414 11.69 19.47 -1.18
C ALA A 414 13.11 19.03 -0.86
N GLU A 415 13.80 19.79 -0.02
CA GLU A 415 15.16 19.45 0.38
C GLU A 415 15.18 18.16 1.20
N SER A 416 14.24 18.03 2.14
CA SER A 416 14.16 16.83 2.96
C SER A 416 13.79 15.61 2.12
N MET A 417 12.88 15.80 1.16
CA MET A 417 12.55 14.72 0.22
C MET A 417 13.75 14.21 -0.56
N LYS A 418 14.53 15.13 -1.11
CA LYS A 418 15.73 14.78 -1.85
C LYS A 418 16.70 14.03 -0.94
N LYS A 419 16.85 14.52 0.28
CA LYS A 419 17.77 13.92 1.24
C LYS A 419 17.39 12.48 1.59
N ILE A 420 16.12 12.25 1.90
CA ILE A 420 15.71 10.90 2.23
C ILE A 420 15.78 9.99 0.99
N LYS A 421 15.47 10.53 -0.19
CA LYS A 421 15.53 9.72 -1.41
C LYS A 421 16.95 9.23 -1.63
N GLU A 422 17.92 10.13 -1.43
CA GLU A 422 19.33 9.79 -1.55
C GLU A 422 19.77 8.73 -0.54
N LEU A 423 19.28 8.81 0.68
CA LEU A 423 19.57 7.78 1.68
C LEU A 423 19.06 6.43 1.19
N TYR A 424 17.86 6.42 0.62
CA TYR A 424 17.30 5.17 0.09
C TYR A 424 18.00 4.66 -1.15
N LEU A 425 18.48 5.56 -2.00
CA LEU A 425 19.30 5.16 -3.14
C LEU A 425 20.63 4.57 -2.69
N ASN A 426 21.00 4.83 -1.45
CA ASN A 426 22.18 4.22 -0.84
C ASN A 426 21.80 3.22 0.24
N TYR A 427 20.71 2.47 -0.02
CA TYR A 427 20.27 1.44 0.89
C TYR A 427 21.41 0.47 1.19
N PRO A 428 21.53 0.04 2.47
CA PRO A 428 22.64 -0.84 2.90
C PRO A 428 22.75 -2.08 2.03
N ARG A 429 23.96 -2.43 1.62
CA ARG A 429 24.16 -3.58 0.75
C ARG A 429 24.15 -4.89 1.51
N SER A 430 24.22 -4.82 2.83
CA SER A 430 24.19 -6.01 3.66
C SER A 430 23.51 -5.68 5.00
N PRO A 431 23.04 -6.70 5.73
CA PRO A 431 22.40 -6.49 7.03
C PRO A 431 23.27 -5.79 8.06
N SER A 432 24.59 -5.94 7.95
CA SER A 432 25.50 -5.39 8.94
C SER A 432 25.42 -3.86 9.00
N SER A 433 24.94 -3.25 7.92
CA SER A 433 24.85 -1.79 7.84
C SER A 433 23.44 -1.25 8.06
N LEU A 434 22.50 -2.12 8.37
CA LEU A 434 21.10 -1.70 8.50
C LEU A 434 20.91 -0.71 9.65
N GLY A 435 21.51 -1.00 10.80
CA GLY A 435 21.31 -0.18 11.98
C GLY A 435 21.75 1.26 11.81
N SER A 436 22.97 1.46 11.33
CA SER A 436 23.48 2.82 11.17
C SER A 436 22.68 3.59 10.13
N TRP A 437 22.27 2.90 9.06
CA TRP A 437 21.46 3.52 8.02
C TRP A 437 20.08 3.90 8.56
N ARG A 438 19.44 2.98 9.28
CA ARG A 438 18.14 3.23 9.89
C ARG A 438 18.19 4.47 10.81
N ARG A 439 19.26 4.60 11.58
CA ARG A 439 19.38 5.75 12.47
CA ARG A 439 19.40 5.75 12.47
C ARG A 439 19.49 7.04 11.69
N GLU A 440 20.18 7.02 10.56
CA GLU A 440 20.24 8.18 9.68
C GLU A 440 18.85 8.58 9.18
N VAL A 441 18.06 7.59 8.77
CA VAL A 441 16.73 7.86 8.25
C VAL A 441 15.84 8.42 9.36
N ASP A 442 15.89 7.77 10.53
CA ASP A 442 15.12 8.23 11.68
C ASP A 442 15.47 9.67 12.03
N ASN A 443 16.76 10.02 11.97
CA ASN A 443 17.17 11.39 12.26
C ASN A 443 16.58 12.40 11.27
N VAL A 444 16.58 12.06 9.99
CA VAL A 444 15.99 12.92 8.98
C VAL A 444 14.51 13.16 9.29
N LEU A 445 13.80 12.09 9.64
CA LEU A 445 12.38 12.20 9.97
C LEU A 445 12.13 13.01 11.24
N THR A 446 12.92 12.75 12.29
CA THR A 446 12.81 13.49 13.54
C THR A 446 12.99 15.00 13.32
N GLU A 447 14.05 15.35 12.59
CA GLU A 447 14.32 16.75 12.30
C GLU A 447 13.21 17.36 11.44
N PHE A 448 12.71 16.59 10.47
CA PHE A 448 11.65 17.11 9.63
C PHE A 448 10.36 17.35 10.42
N ASN A 449 9.98 16.41 11.26
CA ASN A 449 8.79 16.57 12.11
C ASN A 449 8.88 17.85 12.93
N LYS A 450 10.06 18.10 13.48
CA LYS A 450 10.28 19.26 14.32
C LYS A 450 10.12 20.55 13.51
N SER A 451 10.51 20.49 12.24
CA SER A 451 10.44 21.67 11.38
C SER A 451 9.00 22.11 11.10
N LEU A 452 8.05 21.19 11.21
CA LEU A 452 6.65 21.52 10.94
C LEU A 452 5.87 21.90 12.19
N SER A 453 6.45 21.63 13.36
CA SER A 453 5.76 21.88 14.63
C SER A 453 5.77 23.34 15.04
#